data_1EWN
#
_entry.id   1EWN
#
_cell.length_a   42.145
_cell.length_b   57.336
_cell.length_c   125.517
_cell.angle_alpha   90
_cell.angle_beta   90
_cell.angle_gamma   90
#
_symmetry.space_group_name_H-M   'P 21 21 21'
#
loop_
_entity.id
_entity.type
_entity.pdbx_description
1 polymer "DNA (5'-D(*GP*AP*CP*AP*TP*GP*(EDA)P*TP*TP*GP*CP*C)-3')"
2 polymer "DNA (5'-D(P*GP*CP*AP*AP*TP*CP*AP*TP*GP*TP*CP*A)-3')"
3 polymer '3-METHYL-ADENINE DNA GLYCOSYLASE'
4 non-polymer 'SODIUM ION'
5 water water
#
loop_
_entity_poly.entity_id
_entity_poly.type
_entity_poly.pdbx_seq_one_letter_code
_entity_poly.pdbx_strand_id
1 'polydeoxyribonucleotide' (DG)(DA)(DC)(DA)(DT)(DG)(EDA)(DT)(DT)(DG)(DC)(DC) D
2 'polydeoxyribonucleotide' (DG)(DC)(DA)(DA)(DT)(DC)(DA)(DT)(DG)(DT)(DC)(DA) E
3 'polypeptide(L)'
;KGHLTRLGLEFFDQPAVPLARAFLGQVLVRRLPNGTELRGRIVETQAYLGPEDEAAHSRGGRQTPRNRGMFMKPGTLYVY
IIYGMYFCMNISSQGDGACVLLRALEPLEGLETMRQLRSTLRKGTASRVLKDRELCSGPSKLCQALAINKSFDQRDLAQD
EAVWLERGPLEPSEPAVVAAARVGVGHAGEWARKPLRFYVRGSPWVSVVDRVAEQDTQA
;
A
#
# COMPACT_ATOMS: atom_id res chain seq x y z
N HIS C 3 10.14 -9.38 13.87
CA HIS C 3 11.52 -9.92 13.69
C HIS C 3 11.52 -11.12 12.76
N LEU C 4 12.06 -12.24 13.24
CA LEU C 4 12.16 -13.51 12.50
C LEU C 4 11.24 -13.73 11.30
N THR C 5 10.00 -13.30 11.40
CA THR C 5 9.04 -13.50 10.31
C THR C 5 9.13 -12.51 9.15
N ARG C 6 9.76 -11.38 9.39
CA ARG C 6 9.92 -10.31 8.41
C ARG C 6 10.31 -10.76 6.99
N LEU C 7 9.55 -10.28 6.00
CA LEU C 7 9.87 -10.60 4.62
C LEU C 7 11.11 -9.79 4.30
N GLY C 8 12.07 -10.41 3.63
CA GLY C 8 13.32 -9.73 3.33
C GLY C 8 13.45 -9.09 1.96
N LEU C 9 14.62 -8.51 1.75
CA LEU C 9 14.96 -7.83 0.51
C LEU C 9 14.56 -8.60 -0.74
N GLU C 10 14.80 -9.91 -0.73
CA GLU C 10 14.48 -10.74 -1.88
C GLU C 10 13.01 -10.68 -2.28
N PHE C 11 12.12 -10.72 -1.30
CA PHE C 11 10.69 -10.68 -1.57
C PHE C 11 10.25 -9.46 -2.38
N PHE C 12 10.76 -8.30 -1.99
CA PHE C 12 10.42 -7.04 -2.63
C PHE C 12 11.01 -6.83 -4.01
N ASP C 13 12.12 -7.51 -4.31
CA ASP C 13 12.75 -7.32 -5.61
C ASP C 13 12.00 -8.05 -6.74
N GLN C 14 10.78 -7.62 -7.02
CA GLN C 14 9.95 -8.18 -8.07
C GLN C 14 9.29 -7.04 -8.84
N PRO C 15 8.92 -7.26 -10.11
CA PRO C 15 8.28 -6.13 -10.81
C PRO C 15 6.94 -5.76 -10.15
N ALA C 16 6.50 -4.52 -10.37
CA ALA C 16 5.28 -3.99 -9.74
C ALA C 16 4.03 -4.87 -9.71
N VAL C 17 3.66 -5.43 -10.84
CA VAL C 17 2.47 -6.28 -10.89
C VAL C 17 2.61 -7.53 -10.02
N PRO C 18 3.68 -8.32 -10.22
CA PRO C 18 3.84 -9.52 -9.39
C PRO C 18 3.90 -9.15 -7.89
N LEU C 19 4.60 -8.06 -7.57
CA LEU C 19 4.73 -7.61 -6.19
C LEU C 19 3.37 -7.23 -5.60
N ALA C 20 2.61 -6.45 -6.36
CA ALA C 20 1.29 -6.01 -5.90
C ALA C 20 0.41 -7.22 -5.62
N ARG C 21 0.49 -8.22 -6.48
CA ARG C 21 -0.33 -9.41 -6.27
C ARG C 21 0.26 -10.19 -5.09
N ALA C 22 1.58 -10.25 -5.01
CA ALA C 22 2.25 -10.97 -3.93
C ALA C 22 1.91 -10.38 -2.55
N PHE C 23 1.68 -9.07 -2.48
CA PHE C 23 1.37 -8.39 -1.21
C PHE C 23 0.07 -8.88 -0.57
N LEU C 24 -0.89 -9.27 -1.39
CA LEU C 24 -2.20 -9.71 -0.89
C LEU C 24 -2.03 -10.90 0.04
N GLY C 25 -2.61 -10.79 1.23
CA GLY C 25 -2.49 -11.88 2.19
C GLY C 25 -1.40 -11.61 3.20
N GLN C 26 -0.35 -10.91 2.79
CA GLN C 26 0.73 -10.60 3.72
C GLN C 26 0.22 -9.67 4.83
N VAL C 27 0.97 -9.58 5.91
CA VAL C 27 0.56 -8.76 7.04
C VAL C 27 1.50 -7.62 7.32
N LEU C 28 0.96 -6.41 7.31
CA LEU C 28 1.73 -5.22 7.59
C LEU C 28 1.71 -5.06 9.10
N VAL C 29 2.89 -4.86 9.69
CA VAL C 29 2.99 -4.71 11.13
C VAL C 29 3.59 -3.35 11.46
N ARG C 30 3.01 -2.69 12.46
CA ARG C 30 3.48 -1.39 12.91
C ARG C 30 3.76 -1.47 14.40
N ARG C 31 5.01 -1.33 14.79
CA ARG C 31 5.36 -1.36 16.20
C ARG C 31 5.35 0.06 16.75
N LEU C 32 4.46 0.31 17.72
CA LEU C 32 4.35 1.64 18.31
C LEU C 32 5.35 1.85 19.44
N PRO C 33 5.58 3.11 19.84
CA PRO C 33 6.51 3.42 20.91
C PRO C 33 6.26 2.65 22.21
N ASN C 34 4.99 2.35 22.49
CA ASN C 34 4.65 1.62 23.71
C ASN C 34 5.04 0.15 23.60
N GLY C 35 5.57 -0.23 22.44
CA GLY C 35 5.96 -1.61 22.23
C GLY C 35 4.83 -2.44 21.63
N THR C 36 3.63 -1.87 21.60
CA THR C 36 2.48 -2.56 21.03
C THR C 36 2.66 -2.65 19.51
N GLU C 37 2.06 -3.66 18.90
CA GLU C 37 2.18 -3.83 17.45
C GLU C 37 0.81 -3.87 16.80
N LEU C 38 0.62 -3.03 15.79
CA LEU C 38 -0.64 -3.00 15.06
C LEU C 38 -0.46 -3.92 13.86
N ARG C 39 -1.48 -4.72 13.56
CA ARG C 39 -1.38 -5.65 12.44
C ARG C 39 -2.57 -5.61 11.54
N GLY C 40 -2.29 -5.60 10.24
CA GLY C 40 -3.33 -5.57 9.25
C GLY C 40 -2.96 -6.43 8.05
N ARG C 41 -3.94 -7.19 7.58
CA ARG C 41 -3.74 -8.06 6.43
C ARG C 41 -4.05 -7.25 5.18
N ILE C 42 -3.09 -7.19 4.26
CA ILE C 42 -3.26 -6.44 3.03
C ILE C 42 -4.30 -7.11 2.13
N VAL C 43 -5.35 -6.38 1.78
CA VAL C 43 -6.39 -6.95 0.91
C VAL C 43 -6.56 -6.21 -0.41
N GLU C 44 -5.88 -5.08 -0.57
CA GLU C 44 -5.99 -4.33 -1.82
C GLU C 44 -4.73 -3.53 -2.08
N THR C 45 -4.22 -3.65 -3.30
CA THR C 45 -3.00 -2.94 -3.69
C THR C 45 -3.18 -2.41 -5.09
N GLN C 46 -2.29 -1.51 -5.48
CA GLN C 46 -2.38 -0.90 -6.78
C GLN C 46 -0.96 -0.64 -7.31
N ALA C 47 -0.68 -1.08 -8.53
CA ALA C 47 0.64 -0.91 -9.12
C ALA C 47 0.82 0.32 -9.99
N TYR C 48 2.04 0.83 -10.01
CA TYR C 48 2.45 1.97 -10.82
C TYR C 48 3.72 1.46 -11.48
N LEU C 49 3.73 1.40 -12.81
CA LEU C 49 4.86 0.86 -13.52
C LEU C 49 6.03 1.76 -13.89
N GLY C 50 6.02 3.01 -13.45
CA GLY C 50 7.16 3.86 -13.75
C GLY C 50 7.00 4.94 -14.81
N PRO C 51 8.09 5.28 -15.52
CA PRO C 51 8.17 6.30 -16.58
C PRO C 51 7.12 6.21 -17.68
N GLU C 52 6.80 4.99 -18.10
CA GLU C 52 5.83 4.77 -19.17
C GLU C 52 4.38 4.84 -18.66
N ASP C 53 4.20 4.66 -17.36
CA ASP C 53 2.88 4.69 -16.74
C ASP C 53 2.41 6.13 -16.54
N GLU C 54 1.52 6.60 -17.41
CA GLU C 54 1.04 7.97 -17.33
C GLU C 54 0.22 8.29 -16.09
N ALA C 55 -0.09 7.29 -15.28
CA ALA C 55 -0.86 7.53 -14.06
C ALA C 55 0.04 7.65 -12.85
N ALA C 56 1.34 7.45 -13.05
CA ALA C 56 2.30 7.51 -11.96
C ALA C 56 3.02 8.85 -11.75
N HIS C 57 3.45 9.09 -10.51
CA HIS C 57 4.19 10.30 -10.15
C HIS C 57 5.52 10.30 -10.90
N SER C 58 5.98 9.11 -11.25
CA SER C 58 7.24 8.95 -11.92
C SER C 58 7.13 8.96 -13.45
N ARG C 59 5.96 9.28 -13.97
CA ARG C 59 5.78 9.30 -15.42
C ARG C 59 6.80 10.24 -16.08
N GLY C 60 7.25 9.87 -17.27
CA GLY C 60 8.21 10.67 -18.00
C GLY C 60 9.52 10.84 -17.24
N GLY C 61 9.85 9.84 -16.43
CA GLY C 61 11.08 9.91 -15.67
C GLY C 61 11.13 11.00 -14.62
N ARG C 62 9.99 11.57 -14.27
CA ARG C 62 9.98 12.61 -13.25
C ARG C 62 10.51 12.02 -11.96
N GLN C 63 11.59 12.61 -11.46
CA GLN C 63 12.22 12.14 -10.23
C GLN C 63 12.69 13.33 -9.42
N THR C 64 12.23 13.42 -8.18
CA THR C 64 12.62 14.52 -7.31
C THR C 64 12.98 13.98 -5.94
N PRO C 65 13.42 14.85 -5.03
CA PRO C 65 13.77 14.35 -3.70
C PRO C 65 12.54 13.80 -2.97
N ARG C 66 11.35 14.24 -3.39
CA ARG C 66 10.12 13.76 -2.75
C ARG C 66 9.81 12.31 -3.08
N ASN C 67 9.80 11.97 -4.36
CA ASN C 67 9.48 10.61 -4.78
C ASN C 67 10.69 9.71 -4.99
N ARG C 68 11.84 10.11 -4.42
CA ARG C 68 13.06 9.32 -4.59
C ARG C 68 12.86 7.87 -4.16
N GLY C 69 12.02 7.64 -3.16
CA GLY C 69 11.75 6.28 -2.70
C GLY C 69 11.41 5.29 -3.80
N MET C 70 10.61 5.72 -4.78
CA MET C 70 10.21 4.85 -5.90
C MET C 70 11.41 4.43 -6.73
N PHE C 71 12.47 5.24 -6.68
CA PHE C 71 13.67 4.98 -7.45
C PHE C 71 14.77 4.34 -6.63
N MET C 72 14.48 4.03 -5.37
CA MET C 72 15.44 3.39 -4.48
C MET C 72 15.19 1.87 -4.45
N LYS C 73 16.04 1.14 -3.73
CA LYS C 73 15.92 -0.32 -3.68
C LYS C 73 14.53 -0.84 -3.28
N PRO C 74 14.06 -1.91 -3.95
CA PRO C 74 12.76 -2.51 -3.68
C PRO C 74 12.58 -2.72 -2.18
N GLY C 75 11.42 -2.32 -1.66
CA GLY C 75 11.19 -2.46 -0.24
C GLY C 75 11.29 -1.10 0.43
N THR C 76 11.85 -0.14 -0.28
CA THR C 76 11.97 1.21 0.24
C THR C 76 10.56 1.84 0.17
N LEU C 77 10.19 2.57 1.19
CA LEU C 77 8.88 3.20 1.23
C LEU C 77 8.88 4.56 0.57
N TYR C 78 7.74 4.90 0.00
CA TYR C 78 7.53 6.20 -0.63
C TYR C 78 6.21 6.64 -0.02
N VAL C 79 6.29 7.56 0.93
CA VAL C 79 5.11 8.08 1.61
C VAL C 79 4.99 9.56 1.28
N TYR C 80 3.83 9.96 0.77
CA TYR C 80 3.64 11.36 0.45
C TYR C 80 2.35 11.94 0.99
N ILE C 81 2.28 13.27 1.05
CA ILE C 81 1.11 13.95 1.56
C ILE C 81 0.22 14.34 0.38
N ILE C 82 -1.07 14.05 0.51
CA ILE C 82 -2.01 14.36 -0.57
C ILE C 82 -3.11 15.25 -0.01
N TYR C 83 -3.57 16.18 -0.86
CA TYR C 83 -4.61 17.14 -0.48
C TYR C 83 -4.19 17.94 0.75
N GLY C 84 -2.88 17.97 1.02
CA GLY C 84 -2.36 18.68 2.18
C GLY C 84 -3.12 18.27 3.42
N MET C 85 -3.32 16.97 3.60
CA MET C 85 -4.11 16.48 4.73
C MET C 85 -4.00 14.99 5.01
N TYR C 86 -3.69 14.20 3.97
CA TYR C 86 -3.60 12.76 4.13
C TYR C 86 -2.30 12.18 3.59
N PHE C 87 -1.95 10.97 4.02
CA PHE C 87 -0.75 10.30 3.54
C PHE C 87 -1.12 9.09 2.69
N CYS C 88 -0.22 8.71 1.80
CA CYS C 88 -0.38 7.53 0.95
C CYS C 88 0.92 6.75 1.08
N MET C 89 0.80 5.46 1.32
CA MET C 89 1.97 4.61 1.50
C MET C 89 2.22 3.70 0.31
N ASN C 90 3.41 3.85 -0.28
CA ASN C 90 3.81 3.06 -1.43
C ASN C 90 5.12 2.33 -1.10
N ILE C 91 5.32 1.18 -1.71
CA ILE C 91 6.53 0.41 -1.50
C ILE C 91 7.22 0.23 -2.84
N SER C 92 8.47 0.66 -2.92
CA SER C 92 9.22 0.53 -4.16
C SER C 92 9.34 -0.93 -4.61
N SER C 93 9.20 -1.16 -5.90
CA SER C 93 9.31 -2.50 -6.43
C SER C 93 10.48 -2.48 -7.40
N GLN C 94 10.77 -3.63 -8.00
CA GLN C 94 11.86 -3.71 -8.96
C GLN C 94 11.49 -2.72 -10.07
N GLY C 95 12.46 -1.97 -10.56
CA GLY C 95 12.19 -1.00 -11.61
C GLY C 95 12.20 0.42 -11.05
N ASP C 96 13.00 1.28 -11.69
CA ASP C 96 13.08 2.66 -11.26
C ASP C 96 11.78 3.41 -11.53
N GLY C 97 11.24 4.02 -10.47
CA GLY C 97 10.00 4.76 -10.59
C GLY C 97 8.79 3.84 -10.46
N ALA C 98 9.04 2.54 -10.22
CA ALA C 98 7.95 1.58 -10.09
C ALA C 98 7.70 1.27 -8.62
N CYS C 99 6.44 1.22 -8.23
CA CYS C 99 6.10 0.94 -6.84
C CYS C 99 4.67 0.43 -6.72
N VAL C 100 4.30 0.07 -5.50
CA VAL C 100 2.98 -0.45 -5.22
C VAL C 100 2.34 0.34 -4.08
N LEU C 101 1.13 0.83 -4.33
CA LEU C 101 0.39 1.59 -3.34
C LEU C 101 -0.49 0.64 -2.54
N LEU C 102 -0.49 0.77 -1.21
CA LEU C 102 -1.36 -0.05 -0.36
C LEU C 102 -2.68 0.72 -0.23
N ARG C 103 -3.79 0.07 -0.55
CA ARG C 103 -5.10 0.73 -0.47
C ARG C 103 -6.04 0.28 0.63
N ALA C 104 -5.86 -0.93 1.14
CA ALA C 104 -6.74 -1.39 2.22
C ALA C 104 -6.20 -2.59 2.96
N LEU C 105 -6.45 -2.62 4.25
CA LEU C 105 -6.00 -3.70 5.11
C LEU C 105 -7.18 -4.29 5.91
N GLU C 106 -7.04 -5.55 6.29
CA GLU C 106 -8.03 -6.22 7.12
C GLU C 106 -7.40 -6.10 8.51
N PRO C 107 -7.96 -5.24 9.38
CA PRO C 107 -7.40 -5.07 10.72
C PRO C 107 -7.36 -6.41 11.47
N LEU C 108 -6.22 -6.74 12.05
CA LEU C 108 -6.11 -8.00 12.78
C LEU C 108 -5.80 -7.81 14.26
N GLU C 109 -4.96 -6.83 14.58
CA GLU C 109 -4.61 -6.60 15.97
C GLU C 109 -4.37 -5.14 16.30
N GLY C 110 -4.81 -4.72 17.48
CA GLY C 110 -4.63 -3.35 17.91
C GLY C 110 -5.79 -2.47 17.47
N LEU C 111 -6.92 -3.11 17.19
CA LEU C 111 -8.12 -2.40 16.73
C LEU C 111 -8.46 -1.15 17.52
N GLU C 112 -8.51 -1.27 18.85
CA GLU C 112 -8.86 -0.13 19.69
C GLU C 112 -7.94 1.06 19.49
N THR C 113 -6.64 0.80 19.35
CA THR C 113 -5.68 1.88 19.13
C THR C 113 -5.94 2.49 17.76
N MET C 114 -6.25 1.65 16.78
CA MET C 114 -6.53 2.12 15.43
C MET C 114 -7.76 3.02 15.46
N ARG C 115 -8.75 2.60 16.24
CA ARG C 115 -10.00 3.35 16.37
C ARG C 115 -9.70 4.73 16.93
N GLN C 116 -8.77 4.78 17.88
CA GLN C 116 -8.39 6.04 18.50
C GLN C 116 -7.61 6.90 17.50
N LEU C 117 -6.71 6.26 16.75
CA LEU C 117 -5.90 6.98 15.77
C LEU C 117 -6.75 7.60 14.65
N ARG C 118 -7.85 6.94 14.30
CA ARG C 118 -8.71 7.47 13.25
C ARG C 118 -9.90 8.32 13.71
N SER C 119 -9.79 8.89 14.90
CA SER C 119 -10.83 9.76 15.42
C SER C 119 -10.35 11.21 15.40
N THR C 120 -9.05 11.36 15.12
CA THR C 120 -8.36 12.66 15.03
C THR C 120 -7.92 13.19 16.40
N VAL C 129 -17.46 7.16 17.04
CA VAL C 129 -17.28 5.69 17.03
C VAL C 129 -17.25 5.17 15.59
N LEU C 130 -16.15 4.53 15.23
CA LEU C 130 -15.98 3.99 13.88
C LEU C 130 -16.08 2.48 13.84
N LYS C 131 -16.85 1.96 12.88
CA LYS C 131 -17.00 0.53 12.72
C LYS C 131 -15.68 0.00 12.15
N ASP C 132 -15.37 -1.26 12.45
CA ASP C 132 -14.13 -1.88 11.98
C ASP C 132 -13.90 -1.70 10.48
N ARG C 133 -14.98 -1.66 9.72
CA ARG C 133 -14.89 -1.53 8.27
C ARG C 133 -14.35 -0.18 7.80
N GLU C 134 -14.44 0.82 8.66
CA GLU C 134 -13.98 2.16 8.31
C GLU C 134 -12.58 2.44 8.82
N LEU C 135 -11.98 1.48 9.49
CA LEU C 135 -10.64 1.66 10.03
C LEU C 135 -9.51 1.76 9.01
N CYS C 136 -9.43 0.77 8.12
CA CYS C 136 -8.35 0.75 7.12
C CYS C 136 -8.83 0.52 5.69
N SER C 137 -10.05 0.93 5.38
CA SER C 137 -10.57 0.73 4.03
C SER C 137 -10.26 1.91 3.09
N GLY C 138 -8.97 2.22 2.96
CA GLY C 138 -8.55 3.30 2.10
C GLY C 138 -7.07 3.55 2.24
N PRO C 139 -6.39 4.06 1.20
CA PRO C 139 -4.95 4.30 1.32
C PRO C 139 -4.57 5.27 2.44
N SER C 140 -5.37 6.31 2.63
CA SER C 140 -5.09 7.30 3.66
C SER C 140 -5.64 6.86 5.01
N LYS C 141 -6.73 6.10 4.98
CA LYS C 141 -7.32 5.58 6.20
C LYS C 141 -6.33 4.66 6.90
N LEU C 142 -5.74 3.73 6.14
CA LEU C 142 -4.80 2.78 6.73
C LEU C 142 -3.55 3.49 7.27
N CYS C 143 -3.07 4.54 6.59
CA CYS C 143 -1.90 5.26 7.10
C CYS C 143 -2.24 5.89 8.43
N GLN C 144 -3.46 6.42 8.53
CA GLN C 144 -3.90 7.05 9.75
C GLN C 144 -4.01 5.99 10.86
N ALA C 145 -4.66 4.88 10.54
CA ALA C 145 -4.86 3.80 11.52
C ALA C 145 -3.56 3.16 11.99
N LEU C 146 -2.49 3.28 11.21
CA LEU C 146 -1.22 2.69 11.62
C LEU C 146 -0.18 3.72 12.03
N ALA C 147 -0.62 4.96 12.20
CA ALA C 147 0.29 6.02 12.60
C ALA C 147 1.43 6.14 11.61
N ILE C 148 1.11 6.09 10.32
CA ILE C 148 2.12 6.22 9.28
C ILE C 148 2.12 7.67 8.78
N ASN C 149 3.29 8.25 8.69
CA ASN C 149 3.39 9.63 8.21
C ASN C 149 4.66 9.85 7.42
N LYS C 150 4.95 11.12 7.14
CA LYS C 150 6.11 11.49 6.34
C LYS C 150 7.45 11.02 6.90
N SER C 151 7.53 10.76 8.20
CA SER C 151 8.79 10.31 8.77
C SER C 151 9.13 8.89 8.32
N PHE C 152 8.15 8.21 7.72
CA PHE C 152 8.36 6.86 7.24
C PHE C 152 8.88 6.84 5.81
N ASP C 153 8.84 7.99 5.16
CA ASP C 153 9.31 8.10 3.78
C ASP C 153 10.78 7.66 3.67
N GLN C 154 11.06 6.85 2.65
CA GLN C 154 12.41 6.34 2.39
C GLN C 154 13.02 5.39 3.42
N ARG C 155 12.18 4.82 4.29
CA ARG C 155 12.66 3.84 5.25
C ARG C 155 12.62 2.50 4.49
N ASP C 156 13.36 1.50 4.97
CA ASP C 156 13.41 0.19 4.32
C ASP C 156 12.52 -0.82 5.05
N LEU C 157 11.49 -1.30 4.37
CA LEU C 157 10.55 -2.24 4.96
C LEU C 157 11.23 -3.52 5.42
N ALA C 158 12.35 -3.86 4.77
CA ALA C 158 13.07 -5.07 5.11
C ALA C 158 14.03 -4.87 6.28
N GLN C 159 14.31 -3.60 6.61
CA GLN C 159 15.23 -3.31 7.71
C GLN C 159 14.82 -2.09 8.54
N ASP C 160 13.60 -2.09 9.04
CA ASP C 160 13.16 -0.97 9.87
C ASP C 160 12.58 -1.53 11.16
N GLU C 161 12.90 -0.86 12.27
CA GLU C 161 12.43 -1.30 13.58
C GLU C 161 10.97 -1.02 13.88
N ALA C 162 10.37 -0.05 13.19
CA ALA C 162 8.99 0.30 13.48
C ALA C 162 7.93 -0.26 12.52
N VAL C 163 8.37 -0.74 11.36
CA VAL C 163 7.43 -1.27 10.39
C VAL C 163 8.04 -2.36 9.52
N TRP C 164 7.24 -3.36 9.19
CA TRP C 164 7.69 -4.47 8.35
C TRP C 164 6.51 -5.31 7.90
N LEU C 165 6.77 -6.25 7.01
CA LEU C 165 5.74 -7.13 6.49
C LEU C 165 6.04 -8.58 6.90
N GLU C 166 5.02 -9.31 7.32
CA GLU C 166 5.17 -10.70 7.72
C GLU C 166 4.49 -11.60 6.70
N ARG C 167 5.04 -12.79 6.50
CA ARG C 167 4.50 -13.75 5.55
C ARG C 167 3.00 -13.98 5.73
N GLY C 168 2.32 -14.10 4.59
CA GLY C 168 0.88 -14.31 4.54
C GLY C 168 0.15 -14.87 5.74
N PRO C 169 -0.29 -16.13 5.67
CA PRO C 169 -1.02 -16.81 6.75
C PRO C 169 -0.50 -16.46 8.15
N ALA C 176 -8.39 -15.94 -3.99
CA ALA C 176 -8.81 -15.44 -5.33
C ALA C 176 -8.50 -13.96 -5.48
N VAL C 177 -7.74 -13.61 -6.51
CA VAL C 177 -7.39 -12.22 -6.75
C VAL C 177 -8.20 -11.61 -7.88
N VAL C 178 -8.68 -10.38 -7.67
CA VAL C 178 -9.42 -9.67 -8.70
C VAL C 178 -8.52 -8.56 -9.22
N ALA C 179 -8.35 -8.51 -10.54
CA ALA C 179 -7.54 -7.47 -11.16
C ALA C 179 -8.54 -6.48 -11.74
N ALA C 180 -8.42 -5.21 -11.37
CA ALA C 180 -9.36 -4.20 -11.86
C ALA C 180 -8.68 -2.86 -12.13
N ALA C 181 -9.44 -1.93 -12.73
CA ALA C 181 -8.92 -0.62 -13.02
C ALA C 181 -8.60 0.07 -11.70
N ARG C 182 -7.60 0.95 -11.72
CA ARG C 182 -7.19 1.66 -10.52
C ARG C 182 -8.15 2.76 -10.08
N VAL C 183 -8.08 3.10 -8.81
CA VAL C 183 -8.91 4.14 -8.21
C VAL C 183 -8.09 5.44 -8.22
N GLY C 184 -8.75 6.55 -8.55
CA GLY C 184 -8.10 7.86 -8.57
C GLY C 184 -7.32 8.21 -9.83
N VAL C 185 -7.53 7.47 -10.90
CA VAL C 185 -6.80 7.69 -12.15
C VAL C 185 -7.46 8.58 -13.20
N GLY C 186 -8.70 9.00 -12.99
CA GLY C 186 -9.34 9.83 -13.99
C GLY C 186 -9.94 8.94 -15.08
N HIS C 187 -10.67 9.53 -16.02
CA HIS C 187 -11.29 8.74 -17.07
C HIS C 187 -10.81 9.00 -18.49
N ALA C 188 -9.53 9.32 -18.65
CA ALA C 188 -8.98 9.56 -19.97
C ALA C 188 -7.63 8.87 -20.11
N GLY C 189 -7.37 8.30 -21.28
CA GLY C 189 -6.09 7.64 -21.51
C GLY C 189 -6.07 6.14 -21.32
N GLU C 190 -5.14 5.50 -22.03
CA GLU C 190 -4.99 4.05 -21.96
C GLU C 190 -4.60 3.59 -20.56
N TRP C 191 -3.65 4.28 -19.95
CA TRP C 191 -3.19 3.89 -18.63
C TRP C 191 -4.20 3.91 -17.50
N ALA C 192 -5.21 4.77 -17.63
CA ALA C 192 -6.23 4.84 -16.60
C ALA C 192 -7.09 3.59 -16.59
N ARG C 193 -7.17 2.91 -17.75
CA ARG C 193 -7.98 1.69 -17.90
C ARG C 193 -7.32 0.35 -17.57
N LYS C 194 -6.00 0.31 -17.53
CA LYS C 194 -5.31 -0.95 -17.26
C LYS C 194 -5.67 -1.56 -15.91
N PRO C 195 -5.78 -2.91 -15.85
CA PRO C 195 -6.11 -3.66 -14.64
C PRO C 195 -4.91 -3.75 -13.71
N LEU C 196 -4.54 -2.61 -13.14
CA LEU C 196 -3.38 -2.55 -12.26
C LEU C 196 -3.72 -2.41 -10.77
N ARG C 197 -4.97 -2.70 -10.42
CA ARG C 197 -5.39 -2.70 -9.02
C ARG C 197 -5.78 -4.13 -8.69
N PHE C 198 -5.32 -4.63 -7.55
CA PHE C 198 -5.61 -6.00 -7.16
C PHE C 198 -6.17 -6.11 -5.75
N TYR C 199 -7.18 -6.95 -5.56
CA TYR C 199 -7.76 -7.13 -4.24
C TYR C 199 -8.32 -8.53 -4.00
N VAL C 200 -8.55 -8.86 -2.74
CA VAL C 200 -9.05 -10.19 -2.39
C VAL C 200 -10.55 -10.28 -2.67
N ARG C 201 -10.91 -11.19 -3.56
CA ARG C 201 -12.31 -11.39 -3.94
C ARG C 201 -13.16 -11.74 -2.74
N GLY C 202 -14.28 -11.05 -2.59
CA GLY C 202 -15.18 -11.32 -1.48
C GLY C 202 -14.80 -10.66 -0.16
N SER C 203 -13.61 -10.07 -0.08
CA SER C 203 -13.23 -9.42 1.16
C SER C 203 -14.07 -8.18 1.43
N PRO C 204 -14.68 -8.12 2.63
CA PRO C 204 -15.51 -6.96 2.99
C PRO C 204 -14.63 -5.79 3.44
N TRP C 205 -13.32 -6.02 3.47
CA TRP C 205 -12.40 -4.98 3.89
C TRP C 205 -11.82 -4.13 2.77
N VAL C 206 -12.08 -4.53 1.52
CA VAL C 206 -11.59 -3.79 0.36
C VAL C 206 -12.26 -2.41 0.26
N SER C 207 -11.48 -1.40 -0.12
CA SER C 207 -12.00 -0.03 -0.21
C SER C 207 -13.05 0.19 -1.30
N VAL C 208 -12.79 -0.33 -2.50
CA VAL C 208 -13.72 -0.15 -3.62
C VAL C 208 -13.86 -1.45 -4.39
N VAL C 209 -15.07 -2.00 -4.46
CA VAL C 209 -15.24 -3.23 -5.21
C VAL C 209 -15.59 -2.87 -6.64
N ASP C 210 -15.35 -3.80 -7.56
CA ASP C 210 -15.65 -3.61 -8.96
C ASP C 210 -16.41 -4.87 -9.38
N ARG C 211 -17.73 -4.85 -9.20
CA ARG C 211 -18.55 -6.01 -9.51
C ARG C 211 -18.36 -6.53 -10.94
N VAL C 212 -18.18 -5.63 -11.89
CA VAL C 212 -17.99 -6.04 -13.27
C VAL C 212 -16.70 -6.83 -13.44
N ALA C 213 -15.61 -6.29 -12.89
CA ALA C 213 -14.31 -6.96 -12.97
C ALA C 213 -14.41 -8.32 -12.29
N GLU C 214 -15.19 -8.39 -11.21
CA GLU C 214 -15.36 -9.63 -10.48
C GLU C 214 -15.97 -10.73 -11.33
N GLN C 215 -16.59 -10.35 -12.44
CA GLN C 215 -17.20 -11.34 -13.33
C GLN C 215 -16.17 -11.91 -14.31
N ASP C 216 -14.93 -12.04 -13.85
CA ASP C 216 -13.83 -12.58 -14.65
C ASP C 216 -13.80 -12.04 -16.07
#